data_4DGI
#
_entry.id   4DGI
#
_cell.length_a   83.530
_cell.length_b   105.920
_cell.length_c   76.230
_cell.angle_alpha   90.00
_cell.angle_beta   95.08
_cell.angle_gamma   90.00
#
_symmetry.space_group_name_H-M   'C 1 2 1'
#
loop_
_entity.id
_entity.type
_entity.pdbx_description
1 polymer 'Major prion protein'
2 polymer 'POM1 Fab Heavy chain'
3 polymer 'POM1 Fab Light chain'
4 non-polymer 'SODIUM ION'
5 water water
#
loop_
_entity_poly.entity_id
_entity_poly.type
_entity_poly.pdbx_seq_one_letter_code
_entity_poly.pdbx_strand_id
1 'polypeptide(L)'
;AVVGGLGGYMLGSAMSRPIIHFGSDYEDRYYRENMHRYPNQVYYRPMDEYSNQNNFVHDCVNITIKQHTVTTTTKGENFT
ETDVKMMERVVEQMCITQYERESQAYYQRGS
;
A
2 'polypeptide(L)'
;QVQLQQSGTELVMPGASVKMSCKASGYTFTDYWMHWVKQRPGQGLEWIGSIDPSDSYTSHNEKFKGKATLTVDESSSTAY
MQLSSLTSEDSAVYFCSRSGYGYYAMEYWGQGTSVTVSSAKTTPPSVYPLAPGGGATNSMVTLGCLVKGYFPEPVTVTWN
SGSLSGGVHTFPAVLQSDLYTLSSSVTVPSSTWPSETVTCNVAHPASSTKVDKKIVPR
;
H
3 'polypeptide(L)'
;DIVLTQSPAILSVSPGERVSFSCRASQNIGTSIHWYQQRTNESPRLIIKYASESISGIPSRFSGSGSGTDFTLSINSVES
EDIADYYCQQSNTWPYTFGGGTKLELKRADAAPTVSIFPPSSEQLTSGGASVVCFLNNFYPKDINVKWKIDGSERQNGVL
NSETDQDSKDSTYSMSSTLTLTKDEYERHNTYTCEATHKTSTSPIVKSFNRNE
;
L
#
# COMPACT_ATOMS: atom_id res chain seq x y z
N GLY A 7 25.61 -41.85 28.52
CA GLY A 7 25.50 -40.72 29.41
C GLY A 7 26.54 -39.60 29.24
N GLY A 8 26.15 -38.36 29.51
CA GLY A 8 24.82 -38.04 30.02
C GLY A 8 23.71 -37.93 28.99
N TYR A 9 24.10 -37.98 27.72
CA TYR A 9 23.22 -37.88 26.54
C TYR A 9 22.71 -39.26 26.17
N MET A 10 21.58 -39.26 25.48
CA MET A 10 21.02 -40.47 24.89
C MET A 10 20.71 -40.26 23.39
N LEU A 11 20.74 -41.34 22.60
CA LEU A 11 20.45 -41.23 21.16
C LEU A 11 19.09 -41.87 20.92
N GLY A 12 18.21 -41.04 20.42
CA GLY A 12 16.84 -41.37 20.03
C GLY A 12 16.68 -42.22 18.81
N SER A 13 15.50 -42.81 18.65
CA SER A 13 15.34 -43.52 17.40
C SER A 13 15.24 -42.58 16.19
N ALA A 14 15.63 -43.11 15.03
CA ALA A 14 15.59 -42.41 13.77
C ALA A 14 14.20 -42.05 13.28
N MET A 15 14.10 -40.85 12.69
CA MET A 15 12.83 -40.33 12.17
C MET A 15 12.87 -40.09 10.65
N SER A 16 11.73 -40.27 10.04
CA SER A 16 11.47 -39.97 8.64
C SER A 16 11.77 -38.45 8.34
N ARG A 17 12.49 -38.11 7.27
CA ARG A 17 12.77 -36.70 6.87
C ARG A 17 11.56 -35.90 6.29
N PRO A 18 11.18 -34.73 6.91
CA PRO A 18 10.05 -33.88 6.46
C PRO A 18 10.46 -33.07 5.22
N ILE A 19 9.57 -32.78 4.30
CA ILE A 19 9.95 -31.72 3.37
C ILE A 19 9.80 -30.49 4.25
N ILE A 20 10.69 -29.57 3.98
CA ILE A 20 10.77 -28.31 4.61
C ILE A 20 10.96 -27.33 3.50
N HIS A 21 10.15 -26.28 3.53
CA HIS A 21 10.24 -25.20 2.58
C HIS A 21 10.86 -24.02 3.30
N PHE A 22 11.88 -23.48 2.65
CA PHE A 22 12.66 -22.45 3.23
C PHE A 22 12.35 -21.04 2.70
N GLY A 23 11.37 -20.90 1.79
CA GLY A 23 10.86 -19.60 1.43
C GLY A 23 11.46 -18.92 0.18
N SER A 24 12.52 -19.46 -0.41
CA SER A 24 13.10 -18.77 -1.58
C SER A 24 13.44 -19.84 -2.55
N ASP A 25 13.55 -19.52 -3.83
CA ASP A 25 13.75 -20.61 -4.75
C ASP A 25 15.15 -21.20 -4.57
N TYR A 26 16.09 -20.41 -4.12
CA TYR A 26 17.45 -20.89 -4.09
C TYR A 26 17.63 -21.82 -2.91
N GLU A 27 17.07 -21.47 -1.77
CA GLU A 27 17.25 -22.31 -0.60
C GLU A 27 16.50 -23.64 -0.68
N ASP A 28 15.35 -23.61 -1.29
CA ASP A 28 14.56 -24.83 -1.44
C ASP A 28 15.39 -25.81 -2.26
N ARG A 29 15.96 -25.30 -3.36
CA ARG A 29 16.76 -26.15 -4.19
C ARG A 29 17.97 -26.60 -3.42
N TYR A 30 18.67 -25.64 -2.76
CA TYR A 30 19.80 -25.96 -1.94
C TYR A 30 19.46 -27.01 -0.90
N TYR A 31 18.37 -26.82 -0.20
CA TYR A 31 18.03 -27.84 0.78
C TYR A 31 17.84 -29.23 0.25
N ARG A 32 17.00 -29.34 -0.80
CA ARG A 32 16.69 -30.61 -1.47
C ARG A 32 18.04 -31.33 -1.87
N GLU A 33 19.03 -30.59 -2.35
CA GLU A 33 20.30 -31.16 -2.81
C GLU A 33 21.19 -31.48 -1.53
N ASN A 34 21.12 -30.72 -0.44
CA ASN A 34 22.06 -31.00 0.62
C ASN A 34 21.43 -31.77 1.82
N MET A 35 20.13 -32.01 1.85
CA MET A 35 19.52 -32.51 3.07
C MET A 35 20.02 -33.94 3.49
N HIS A 36 20.75 -34.63 2.59
CA HIS A 36 21.12 -36.03 2.86
C HIS A 36 22.33 -36.02 3.83
N ARG A 37 23.03 -34.88 3.81
CA ARG A 37 24.12 -34.52 4.71
C ARG A 37 23.72 -34.18 6.15
N TYR A 38 22.43 -34.11 6.48
CA TYR A 38 22.01 -33.71 7.84
C TYR A 38 21.43 -34.81 8.70
N PRO A 39 21.44 -34.61 10.02
CA PRO A 39 21.01 -35.77 10.83
C PRO A 39 19.61 -36.22 10.57
N ASN A 40 19.36 -37.52 10.75
CA ASN A 40 17.98 -38.01 10.78
C ASN A 40 17.59 -38.58 12.13
N GLN A 41 18.42 -38.31 13.12
CA GLN A 41 18.09 -38.66 14.51
C GLN A 41 18.83 -37.71 15.47
N VAL A 42 18.34 -37.61 16.71
CA VAL A 42 18.89 -36.62 17.66
C VAL A 42 19.52 -37.19 18.97
N TYR A 43 20.50 -36.47 19.51
CA TYR A 43 21.01 -36.75 20.86
C TYR A 43 20.40 -35.81 21.88
N TYR A 44 20.14 -36.34 23.07
CA TYR A 44 19.56 -35.54 24.13
C TYR A 44 19.92 -36.03 25.54
N ARG A 45 19.67 -35.16 26.50
CA ARG A 45 19.69 -35.48 27.94
C ARG A 45 18.35 -35.90 28.47
N PRO A 46 18.35 -36.70 29.54
CA PRO A 46 17.05 -37.15 30.06
C PRO A 46 15.99 -36.04 30.24
N MET A 47 14.73 -36.46 30.23
CA MET A 47 13.59 -35.55 30.35
C MET A 47 13.48 -34.81 31.70
N ASP A 48 13.99 -35.43 32.77
CA ASP A 48 13.81 -34.86 34.09
C ASP A 48 14.92 -33.86 34.41
N GLU A 49 15.69 -33.46 33.38
CA GLU A 49 16.78 -32.50 33.56
C GLU A 49 16.58 -31.14 32.87
N TYR A 50 15.34 -30.81 32.50
CA TYR A 50 15.04 -29.52 31.86
C TYR A 50 13.77 -28.83 32.42
N SER A 51 13.77 -27.49 32.41
CA SER A 51 12.64 -26.77 33.01
C SER A 51 11.44 -26.74 32.07
N ASN A 52 11.72 -27.05 30.81
CA ASN A 52 10.70 -27.08 29.81
C ASN A 52 11.26 -27.50 28.49
N GLN A 53 10.35 -27.49 27.55
CA GLN A 53 10.53 -27.90 26.19
C GLN A 53 11.56 -27.02 25.53
N ASN A 54 11.40 -25.73 25.70
CA ASN A 54 12.27 -24.80 25.04
C ASN A 54 13.71 -25.09 25.42
N ASN A 55 13.90 -25.41 26.69
CA ASN A 55 15.20 -25.74 27.22
C ASN A 55 15.82 -27.02 26.64
N PHE A 56 15.03 -28.09 26.61
CA PHE A 56 15.43 -29.37 26.04
C PHE A 56 15.87 -29.18 24.57
N VAL A 57 14.98 -28.55 23.83
CA VAL A 57 15.15 -28.34 22.42
C VAL A 57 16.45 -27.56 22.20
N HIS A 58 16.68 -26.45 22.91
CA HIS A 58 17.93 -25.69 22.73
C HIS A 58 19.18 -26.56 22.82
N ASP A 59 19.20 -27.40 23.86
CA ASP A 59 20.36 -28.22 24.08
C ASP A 59 20.45 -29.36 23.07
N CYS A 60 19.33 -30.06 22.83
CA CYS A 60 19.30 -31.11 21.83
C CYS A 60 19.81 -30.65 20.46
N VAL A 61 19.45 -29.45 20.03
CA VAL A 61 19.90 -28.89 18.75
C VAL A 61 21.43 -28.66 18.72
N ASN A 62 21.97 -27.92 19.72
CA ASN A 62 23.42 -27.64 19.82
C ASN A 62 24.39 -28.82 19.93
N ILE A 63 24.04 -29.75 20.80
CA ILE A 63 24.83 -30.94 21.01
C ILE A 63 24.85 -31.75 19.70
N THR A 64 23.67 -31.97 19.12
CA THR A 64 23.50 -32.74 17.86
C THR A 64 24.27 -32.14 16.70
N ILE A 65 24.22 -30.85 16.52
CA ILE A 65 24.92 -30.31 15.38
C ILE A 65 26.42 -30.47 15.65
N LYS A 66 26.84 -30.23 16.91
CA LYS A 66 28.26 -30.39 17.32
C LYS A 66 28.73 -31.83 17.06
N GLN A 67 27.96 -32.84 17.51
CA GLN A 67 28.34 -34.22 17.29
C GLN A 67 28.33 -34.56 15.84
N HIS A 68 27.33 -34.04 15.13
CA HIS A 68 27.26 -34.30 13.72
C HIS A 68 28.36 -33.65 12.93
N THR A 69 28.76 -32.45 13.39
CA THR A 69 29.79 -31.68 12.71
C THR A 69 31.13 -32.37 12.90
N VAL A 70 31.34 -32.92 14.10
CA VAL A 70 32.57 -33.63 14.37
C VAL A 70 32.74 -34.92 13.56
N THR A 71 31.68 -35.70 13.35
CA THR A 71 31.84 -36.94 12.58
C THR A 71 32.05 -36.68 11.09
N THR A 72 31.45 -35.61 10.57
CA THR A 72 31.64 -35.27 9.17
C THR A 72 33.04 -34.71 8.82
N THR A 73 33.58 -33.82 9.67
CA THR A 73 34.94 -33.27 9.47
C THR A 73 36.08 -34.31 9.47
N THR A 74 36.03 -35.29 10.38
CA THR A 74 37.03 -36.34 10.38
C THR A 74 37.06 -36.94 8.95
N LYS A 75 35.85 -37.00 8.37
CA LYS A 75 35.57 -37.52 7.04
C LYS A 75 35.85 -36.46 5.96
N GLY A 76 36.34 -35.31 6.38
CA GLY A 76 36.70 -34.23 5.49
C GLY A 76 35.42 -33.49 5.18
N GLU A 77 35.57 -32.37 4.48
CA GLU A 77 34.45 -31.48 4.15
C GLU A 77 33.95 -30.80 5.41
N ASN A 78 33.22 -29.74 5.09
CA ASN A 78 32.63 -28.74 5.96
C ASN A 78 31.20 -28.25 5.79
N PHE A 79 30.62 -27.89 6.94
CA PHE A 79 29.32 -27.28 6.86
C PHE A 79 29.50 -25.85 6.91
N THR A 80 28.84 -25.27 5.93
CA THR A 80 28.73 -23.88 5.71
C THR A 80 27.65 -23.29 6.52
N GLU A 81 27.54 -21.97 6.42
CA GLU A 81 26.52 -21.25 7.13
C GLU A 81 25.08 -21.53 6.74
N THR A 82 24.83 -21.82 5.45
CA THR A 82 23.47 -22.20 5.06
C THR A 82 23.14 -23.54 5.69
N ASP A 83 24.10 -24.46 5.63
CA ASP A 83 23.96 -25.79 6.22
C ASP A 83 23.61 -25.73 7.66
N VAL A 84 24.37 -24.89 8.35
CA VAL A 84 24.23 -24.68 9.78
C VAL A 84 22.88 -24.10 10.03
N LYS A 85 22.49 -23.13 9.18
CA LYS A 85 21.15 -22.54 9.33
C LYS A 85 19.96 -23.51 9.17
N MET A 86 20.05 -24.37 8.16
CA MET A 86 19.03 -25.37 7.76
C MET A 86 19.02 -26.55 8.80
N MET A 87 20.19 -27.03 9.24
CA MET A 87 20.19 -28.08 10.27
C MET A 87 19.50 -27.65 11.53
N GLU A 88 19.74 -26.45 12.00
CA GLU A 88 19.09 -25.93 13.21
C GLU A 88 17.56 -26.03 13.02
N ARG A 89 17.11 -25.60 11.87
CA ARG A 89 15.68 -25.61 11.69
C ARG A 89 15.15 -27.01 11.74
N VAL A 90 15.80 -27.89 10.98
CA VAL A 90 15.33 -29.26 10.92
C VAL A 90 15.59 -30.16 12.14
N VAL A 91 16.75 -29.96 12.76
CA VAL A 91 17.09 -30.66 14.00
C VAL A 91 16.14 -30.15 15.07
N GLU A 92 15.79 -28.84 15.00
CA GLU A 92 14.80 -28.31 15.95
C GLU A 92 13.47 -29.00 15.86
N GLN A 93 12.99 -29.17 14.61
CA GLN A 93 11.77 -29.92 14.39
C GLN A 93 11.87 -31.27 15.00
N MET A 94 12.99 -31.91 14.77
CA MET A 94 13.19 -33.27 15.32
C MET A 94 13.28 -33.37 16.83
N CYS A 95 13.92 -32.41 17.46
CA CYS A 95 14.00 -32.43 18.91
C CYS A 95 12.61 -32.29 19.49
N ILE A 96 11.78 -31.49 18.82
CA ILE A 96 10.46 -31.27 19.32
C ILE A 96 9.62 -32.54 19.26
N THR A 97 9.78 -33.33 18.20
CA THR A 97 8.96 -34.54 18.11
C THR A 97 9.43 -35.43 19.25
N GLN A 98 10.74 -35.46 19.45
CA GLN A 98 11.28 -36.28 20.52
C GLN A 98 10.84 -35.87 21.93
N TYR A 99 10.83 -34.58 22.23
CA TYR A 99 10.39 -34.15 23.55
C TYR A 99 8.92 -34.58 23.73
N GLU A 100 8.17 -34.64 22.62
CA GLU A 100 6.78 -35.09 22.67
C GLU A 100 6.64 -36.57 22.95
N ARG A 101 7.60 -37.35 22.50
CA ARG A 101 7.52 -38.79 22.64
C ARG A 101 7.71 -39.18 24.08
N GLU A 102 8.12 -38.20 24.90
CA GLU A 102 8.52 -38.52 26.25
C GLU A 102 7.36 -38.14 27.20
N SER A 103 6.78 -36.96 26.98
CA SER A 103 5.66 -36.49 27.81
C SER A 103 4.45 -37.43 27.71
N GLN B 1 -12.52 -22.38 -2.05
CA GLN B 1 -11.91 -21.16 -2.56
C GLN B 1 -11.10 -20.54 -1.42
N VAL B 2 -9.83 -20.27 -1.71
CA VAL B 2 -8.95 -19.63 -0.75
C VAL B 2 -9.37 -18.21 -0.48
N GLN B 3 -9.48 -17.91 0.81
CA GLN B 3 -9.67 -16.53 1.30
C GLN B 3 -8.65 -16.18 2.41
N LEU B 4 -8.29 -14.91 2.40
CA LEU B 4 -7.40 -14.29 3.39
C LEU B 4 -8.10 -13.10 3.95
N GLN B 5 -8.53 -13.15 5.21
CA GLN B 5 -9.36 -12.04 5.81
C GLN B 5 -8.58 -11.09 6.68
N GLN B 6 -8.57 -9.83 6.26
CA GLN B 6 -7.92 -8.79 7.06
C GLN B 6 -8.93 -7.70 7.49
N SER B 7 -8.77 -7.22 8.71
CA SER B 7 -9.55 -6.08 9.13
C SER B 7 -9.32 -4.89 8.16
N GLY B 8 -10.39 -4.13 7.91
CA GLY B 8 -10.33 -3.02 6.96
C GLY B 8 -9.37 -1.90 7.39
N THR B 9 -9.49 -1.51 8.68
CA THR B 9 -8.81 -0.38 9.28
C THR B 9 -8.37 -0.58 10.74
N GLU B 10 -7.37 0.18 11.20
CA GLU B 10 -6.97 0.31 12.63
C GLU B 10 -6.53 1.76 12.95
N LEU B 11 -7.08 2.36 14.02
CA LEU B 11 -6.57 3.68 14.50
C LEU B 11 -5.73 3.41 15.74
N VAL B 12 -4.46 3.81 15.67
CA VAL B 12 -3.50 3.46 16.72
C VAL B 12 -2.76 4.77 17.13
N MET B 13 -2.47 4.93 18.41
CA MET B 13 -1.74 6.11 18.89
C MET B 13 -0.27 5.94 18.60
N PRO B 14 0.43 7.06 18.26
CA PRO B 14 1.89 7.02 18.09
C PRO B 14 2.49 6.44 19.31
N GLY B 15 3.44 5.51 19.14
CA GLY B 15 4.12 4.86 20.24
C GLY B 15 3.47 3.57 20.72
N ALA B 16 2.23 3.36 20.32
CA ALA B 16 1.47 2.16 20.71
C ALA B 16 1.80 1.01 19.72
N SER B 17 1.25 -0.19 19.99
CA SER B 17 1.46 -1.30 19.06
C SER B 17 0.12 -1.61 18.48
N VAL B 18 0.19 -2.30 17.36
CA VAL B 18 -1.01 -2.83 16.72
C VAL B 18 -0.67 -4.26 16.26
N LYS B 19 -1.65 -5.14 16.37
CA LYS B 19 -1.51 -6.51 15.92
C LYS B 19 -2.55 -6.73 14.85
N MET B 20 -2.13 -6.94 13.62
CA MET B 20 -3.01 -7.06 12.48
C MET B 20 -3.20 -8.55 12.25
N SER B 21 -4.41 -8.98 11.94
CA SER B 21 -4.67 -10.37 11.73
C SER B 21 -4.89 -10.67 10.26
N CYS B 22 -4.62 -11.91 9.86
CA CYS B 22 -4.88 -12.33 8.47
C CYS B 22 -5.38 -13.75 8.58
N LYS B 23 -6.69 -13.92 8.47
CA LYS B 23 -7.27 -15.25 8.67
C LYS B 23 -7.53 -15.98 7.35
N ALA B 24 -6.94 -17.17 7.21
CA ALA B 24 -6.96 -17.92 5.97
C ALA B 24 -8.10 -18.95 6.04
N SER B 25 -8.70 -19.27 4.89
CA SER B 25 -9.69 -20.34 4.80
C SER B 25 -9.64 -20.92 3.41
N GLY B 26 -10.16 -22.15 3.26
CA GLY B 26 -10.34 -22.72 1.96
C GLY B 26 -9.13 -23.52 1.52
N TYR B 27 -8.19 -23.76 2.47
CA TYR B 27 -7.01 -24.56 2.24
C TYR B 27 -6.30 -25.02 3.49
N THR B 28 -5.32 -25.87 3.29
CA THR B 28 -4.57 -26.39 4.42
C THR B 28 -3.54 -25.36 4.97
N PHE B 29 -3.83 -24.79 6.16
CA PHE B 29 -3.06 -23.64 6.65
C PHE B 29 -1.55 -23.86 6.71
N THR B 30 -1.14 -25.03 7.19
CA THR B 30 0.25 -25.21 7.40
C THR B 30 1.04 -25.54 6.15
N ASP B 31 0.37 -25.68 5.01
CA ASP B 31 1.06 -26.08 3.79
C ASP B 31 1.69 -24.93 2.97
N TYR B 32 1.40 -23.66 3.32
CA TYR B 32 1.86 -22.48 2.50
C TYR B 32 2.44 -21.30 3.35
N TRP B 33 3.55 -20.70 2.91
CA TRP B 33 4.04 -19.45 3.52
C TRP B 33 3.05 -18.32 3.35
N MET B 34 3.01 -17.49 4.40
CA MET B 34 2.21 -16.28 4.37
C MET B 34 3.23 -15.10 4.44
N HIS B 35 2.87 -13.99 3.81
CA HIS B 35 3.74 -12.88 3.58
C HIS B 35 3.00 -11.58 3.94
N TRP B 36 3.74 -10.55 4.35
CA TRP B 36 3.17 -9.27 4.66
C TRP B 36 3.84 -8.19 3.89
N VAL B 37 3.06 -7.29 3.26
CA VAL B 37 3.60 -6.31 2.32
C VAL B 37 3.01 -4.97 2.72
N LYS B 38 3.92 -3.99 2.80
CA LYS B 38 3.53 -2.62 3.19
C LYS B 38 3.43 -1.80 1.93
N GLN B 39 2.44 -0.90 1.94
CA GLN B 39 2.35 0.10 0.87
C GLN B 39 1.92 1.43 1.43
N ARG B 40 2.84 2.40 1.37
CA ARG B 40 2.52 3.76 1.79
C ARG B 40 1.62 4.44 0.73
N PRO B 41 0.76 5.38 1.16
CA PRO B 41 -0.18 6.05 0.23
C PRO B 41 0.47 6.63 -1.01
N GLY B 42 -0.10 6.26 -2.15
CA GLY B 42 0.39 6.67 -3.43
C GLY B 42 1.72 6.13 -3.88
N GLN B 43 2.26 5.21 -3.07
CA GLN B 43 3.58 4.56 -3.32
C GLN B 43 3.54 3.05 -3.65
N GLY B 44 4.73 2.45 -3.80
CA GLY B 44 4.86 1.05 -4.22
C GLY B 44 4.82 0.03 -3.07
N LEU B 45 5.01 -1.23 -3.42
CA LEU B 45 5.03 -2.30 -2.43
C LEU B 45 6.37 -2.54 -1.74
N GLU B 46 6.29 -2.76 -0.46
CA GLU B 46 7.49 -3.10 0.23
C GLU B 46 7.35 -4.36 1.04
N TRP B 47 8.25 -5.34 0.87
CA TRP B 47 8.14 -6.61 1.63
C TRP B 47 8.55 -6.39 3.09
N ILE B 48 7.75 -6.86 4.03
CA ILE B 48 8.10 -6.80 5.46
C ILE B 48 8.75 -8.07 6.02
N GLY B 49 8.09 -9.22 5.76
CA GLY B 49 8.49 -10.50 6.27
C GLY B 49 7.47 -11.55 5.97
N SER B 50 7.91 -12.79 6.13
CA SER B 50 7.11 -13.89 5.75
C SER B 50 7.33 -14.91 6.82
N ILE B 51 6.36 -15.83 6.94
CA ILE B 51 6.34 -16.91 7.92
C ILE B 51 5.84 -18.23 7.35
N ASP B 52 6.44 -19.32 7.77
CA ASP B 52 5.96 -20.67 7.44
C ASP B 52 5.09 -21.12 8.61
N PRO B 53 3.78 -21.21 8.40
CA PRO B 53 2.92 -21.58 9.54
C PRO B 53 3.22 -22.96 10.11
N SER B 54 3.90 -23.80 9.36
CA SER B 54 4.15 -25.14 9.87
C SER B 54 4.97 -25.13 11.14
N ASP B 55 6.00 -24.30 11.19
CA ASP B 55 6.85 -24.23 12.38
C ASP B 55 7.18 -22.83 12.83
N SER B 56 6.55 -21.83 12.20
CA SER B 56 6.72 -20.42 12.52
C SER B 56 8.11 -19.86 12.29
N TYR B 57 8.85 -20.53 11.45
CA TYR B 57 10.08 -20.01 10.93
C TYR B 57 9.74 -18.74 10.17
N THR B 58 10.54 -17.68 10.30
CA THR B 58 10.26 -16.37 9.63
C THR B 58 11.44 -15.83 8.83
N SER B 59 11.15 -14.94 7.95
CA SER B 59 12.17 -14.22 7.25
C SER B 59 11.69 -12.81 7.24
N HIS B 60 12.61 -11.86 7.48
CA HIS B 60 12.28 -10.48 7.53
C HIS B 60 13.11 -9.66 6.62
N ASN B 61 12.50 -8.59 6.11
CA ASN B 61 13.26 -7.49 5.58
C ASN B 61 14.15 -6.98 6.76
N GLU B 62 15.47 -6.84 6.56
CA GLU B 62 16.39 -6.45 7.65
C GLU B 62 15.86 -5.25 8.43
N LYS B 63 15.28 -4.29 7.73
CA LYS B 63 14.85 -3.12 8.43
C LYS B 63 13.61 -3.23 9.32
N PHE B 64 12.89 -4.32 9.24
CA PHE B 64 11.70 -4.62 10.02
C PHE B 64 12.08 -5.65 11.08
N LYS B 65 13.34 -6.03 11.06
CA LYS B 65 13.70 -7.02 12.06
C LYS B 65 13.80 -6.28 13.42
N GLY B 66 12.89 -6.55 14.34
CA GLY B 66 12.87 -5.78 15.59
C GLY B 66 11.68 -4.85 15.71
N LYS B 67 10.98 -4.68 14.59
CA LYS B 67 9.84 -3.83 14.45
C LYS B 67 8.56 -4.64 14.19
N ALA B 68 8.65 -5.69 13.32
CA ALA B 68 7.46 -6.50 12.94
C ALA B 68 7.65 -7.92 13.48
N THR B 69 6.72 -8.36 14.29
CA THR B 69 6.78 -9.68 14.90
C THR B 69 5.70 -10.52 14.21
N LEU B 70 6.10 -11.62 13.57
CA LEU B 70 5.13 -12.43 12.81
C LEU B 70 4.80 -13.74 13.58
N THR B 71 3.51 -14.02 13.72
CA THR B 71 3.18 -15.28 14.35
C THR B 71 1.97 -15.86 13.57
N VAL B 72 1.63 -17.10 13.92
CA VAL B 72 0.36 -17.75 13.46
C VAL B 72 -0.32 -18.37 14.62
N ASP B 73 -1.60 -18.61 14.45
CA ASP B 73 -2.32 -19.45 15.38
C ASP B 73 -2.87 -20.60 14.66
N GLU B 74 -2.20 -21.72 14.81
CA GLU B 74 -2.51 -22.87 13.97
C GLU B 74 -3.98 -23.28 14.25
N SER B 75 -4.45 -23.14 15.50
CA SER B 75 -5.79 -23.63 15.82
C SER B 75 -6.85 -22.86 15.08
N SER B 76 -6.66 -21.57 14.86
CA SER B 76 -7.60 -20.71 14.07
C SER B 76 -7.21 -20.35 12.63
N SER B 77 -6.20 -21.00 12.05
CA SER B 77 -5.74 -20.70 10.69
C SER B 77 -5.58 -19.21 10.51
N THR B 78 -4.84 -18.60 11.45
CA THR B 78 -4.64 -17.15 11.44
C THR B 78 -3.19 -16.74 11.54
N ALA B 79 -2.77 -15.79 10.71
CA ALA B 79 -1.39 -15.26 10.77
C ALA B 79 -1.52 -13.89 11.39
N TYR B 80 -0.59 -13.47 12.26
CA TYR B 80 -0.68 -12.13 12.84
C TYR B 80 0.61 -11.38 12.57
N MET B 81 0.55 -10.07 12.37
CA MET B 81 1.77 -9.27 12.38
C MET B 81 1.60 -8.14 13.38
N GLN B 82 2.46 -8.05 14.37
CA GLN B 82 2.42 -6.94 15.29
C GLN B 82 3.49 -5.83 15.06
N LEU B 83 2.98 -4.61 14.88
CA LEU B 83 3.88 -3.49 14.79
C LEU B 83 3.82 -2.70 16.06
N SER B 84 5.03 -2.40 16.51
CA SER B 84 5.21 -1.72 17.79
C SER B 84 5.84 -0.33 17.56
N SER B 85 5.70 0.55 18.57
CA SER B 85 6.27 1.89 18.47
C SER B 85 5.96 2.62 17.22
N LEU B 86 4.67 2.83 16.95
CA LEU B 86 4.24 3.34 15.68
C LEU B 86 4.60 4.84 15.48
N THR B 87 4.97 5.18 14.27
CA THR B 87 5.13 6.57 13.93
C THR B 87 4.31 6.80 12.69
N SER B 88 4.28 8.04 12.21
CA SER B 88 3.57 8.38 11.02
C SER B 88 4.13 7.61 9.79
N GLU B 89 5.35 7.15 9.89
CA GLU B 89 5.97 6.32 8.85
C GLU B 89 5.28 5.00 8.72
N ASP B 90 4.56 4.59 9.76
CA ASP B 90 3.90 3.33 9.73
C ASP B 90 2.49 3.48 9.18
N SER B 91 1.99 4.68 8.93
CA SER B 91 0.67 4.80 8.27
C SER B 91 0.69 4.26 6.88
N ALA B 92 -0.01 3.17 6.59
CA ALA B 92 0.03 2.52 5.27
C ALA B 92 -1.00 1.45 5.29
N VAL B 93 -1.17 0.82 4.12
CA VAL B 93 -1.95 -0.41 4.01
C VAL B 93 -0.97 -1.62 4.09
N TYR B 94 -1.35 -2.62 4.90
CA TYR B 94 -0.59 -3.88 5.08
C TYR B 94 -1.46 -5.04 4.51
N PHE B 95 -0.93 -5.69 3.46
CA PHE B 95 -1.53 -6.82 2.85
C PHE B 95 -0.86 -8.07 3.39
N CYS B 96 -1.67 -9.10 3.60
CA CYS B 96 -1.11 -10.40 3.71
C CYS B 96 -1.33 -11.13 2.38
N SER B 97 -0.49 -12.13 2.09
CA SER B 97 -0.57 -12.86 0.85
C SER B 97 -0.04 -14.25 1.14
N ARG B 98 -0.42 -15.18 0.27
CA ARG B 98 -0.05 -16.56 0.44
C ARG B 98 0.56 -17.06 -0.79
N SER B 99 1.70 -17.74 -0.67
CA SER B 99 2.32 -18.29 -1.88
C SER B 99 1.82 -19.72 -2.26
N GLY B 100 2.53 -20.33 -3.22
CA GLY B 100 2.12 -21.63 -3.68
C GLY B 100 2.83 -22.70 -2.85
N TYR B 101 2.77 -23.96 -3.28
CA TYR B 101 3.40 -25.04 -2.53
C TYR B 101 4.80 -25.28 -3.04
N GLY B 102 5.77 -24.73 -2.31
CA GLY B 102 7.15 -24.82 -2.68
C GLY B 102 7.43 -23.88 -3.84
N TYR B 103 6.50 -23.00 -4.12
CA TYR B 103 6.72 -21.97 -5.15
C TYR B 103 6.31 -20.62 -4.49
N TYR B 104 6.97 -19.53 -4.88
CA TYR B 104 6.87 -18.28 -4.11
C TYR B 104 6.38 -17.04 -4.83
N ALA B 105 5.53 -17.23 -5.85
CA ALA B 105 4.69 -16.16 -6.36
C ALA B 105 3.56 -16.00 -5.32
N MET B 106 3.14 -14.75 -5.07
CA MET B 106 2.07 -14.53 -4.14
C MET B 106 0.70 -14.65 -4.77
N GLU B 107 0.11 -15.82 -4.57
CA GLU B 107 -1.11 -16.28 -5.24
C GLU B 107 -2.37 -15.69 -4.66
N TYR B 108 -2.45 -15.58 -3.33
CA TYR B 108 -3.70 -14.99 -2.81
C TYR B 108 -3.31 -13.82 -1.91
N TRP B 109 -4.10 -12.76 -2.02
CA TRP B 109 -3.84 -11.56 -1.28
C TRP B 109 -5.06 -11.18 -0.45
N GLY B 110 -4.82 -10.76 0.79
CA GLY B 110 -5.85 -10.14 1.57
C GLY B 110 -6.18 -8.77 0.99
N GLN B 111 -7.27 -8.20 1.53
CA GLN B 111 -7.76 -6.89 1.09
C GLN B 111 -6.97 -5.73 1.77
N GLY B 112 -6.12 -6.03 2.74
CA GLY B 112 -5.33 -4.99 3.37
C GLY B 112 -5.96 -4.36 4.61
N THR B 113 -5.15 -4.11 5.62
CA THR B 113 -5.59 -3.42 6.83
C THR B 113 -5.00 -2.03 6.64
N SER B 114 -5.84 -1.01 6.56
CA SER B 114 -5.36 0.36 6.39
C SER B 114 -5.04 0.90 7.76
N VAL B 115 -3.77 1.16 8.06
CA VAL B 115 -3.43 1.67 9.40
C VAL B 115 -3.17 3.18 9.45
N THR B 116 -3.88 3.85 10.37
CA THR B 116 -3.68 5.29 10.62
C THR B 116 -3.14 5.56 12.00
N VAL B 117 -1.96 6.18 11.99
CA VAL B 117 -1.29 6.55 13.24
C VAL B 117 -1.49 8.00 13.55
N SER B 118 -2.21 8.23 14.65
CA SER B 118 -2.55 9.58 14.96
C SER B 118 -2.93 9.69 16.44
N SER B 119 -2.66 10.87 17.02
CA SER B 119 -3.09 11.23 18.40
C SER B 119 -4.40 12.07 18.36
N ALA B 120 -4.91 12.29 17.14
CA ALA B 120 -6.10 13.07 16.94
C ALA B 120 -7.26 12.31 17.59
N LYS B 121 -8.23 13.09 18.11
CA LYS B 121 -9.48 12.57 18.66
C LYS B 121 -10.60 12.61 17.66
N THR B 122 -11.64 11.84 17.90
CA THR B 122 -12.74 11.87 16.99
C THR B 122 -13.14 13.35 16.96
N THR B 123 -13.15 13.94 15.78
CA THR B 123 -13.41 15.36 15.66
C THR B 123 -14.34 15.61 14.52
N PRO B 124 -15.51 16.22 14.80
CA PRO B 124 -16.38 16.42 13.64
C PRO B 124 -15.82 17.45 12.64
N PRO B 125 -16.19 17.28 11.35
CA PRO B 125 -15.66 18.20 10.34
C PRO B 125 -16.37 19.51 10.40
N SER B 126 -15.68 20.58 10.04
CA SER B 126 -16.27 21.85 9.72
C SER B 126 -16.56 21.96 8.25
N VAL B 127 -17.77 22.41 7.92
CA VAL B 127 -18.14 22.47 6.51
C VAL B 127 -18.36 23.94 6.12
N TYR B 128 -17.53 24.41 5.17
CA TYR B 128 -17.65 25.80 4.83
C TYR B 128 -18.11 25.87 3.42
N PRO B 129 -19.12 26.71 3.14
CA PRO B 129 -19.52 26.80 1.74
C PRO B 129 -18.53 27.63 0.90
N LEU B 130 -18.15 27.17 -0.29
CA LEU B 130 -17.32 27.97 -1.19
C LEU B 130 -18.18 28.42 -2.40
N ALA B 131 -18.64 29.67 -2.37
CA ALA B 131 -19.48 30.27 -3.44
C ALA B 131 -18.68 31.41 -4.06
N PRO B 132 -18.75 31.59 -5.38
CA PRO B 132 -17.92 32.76 -5.73
C PRO B 132 -18.53 34.18 -5.67
N GLY B 133 -17.65 35.17 -5.92
CA GLY B 133 -17.98 36.61 -5.90
C GLY B 133 -17.39 37.41 -7.13
N GLY B 134 -18.13 37.75 -8.19
CA GLY B 134 -17.48 38.59 -9.20
C GLY B 134 -17.59 38.38 -10.73
N GLY B 135 -16.71 37.57 -11.34
CA GLY B 135 -16.76 37.32 -12.79
C GLY B 135 -17.15 35.92 -13.26
N ALA B 136 -18.39 35.75 -13.68
CA ALA B 136 -18.87 34.45 -14.10
C ALA B 136 -18.24 33.96 -15.40
N THR B 137 -18.15 32.64 -15.51
CA THR B 137 -17.66 31.86 -16.65
C THR B 137 -18.76 31.88 -17.71
N ASN B 138 -18.75 30.91 -18.57
CA ASN B 138 -19.69 30.99 -19.65
C ASN B 138 -20.79 29.99 -19.46
N SER B 139 -21.97 30.54 -19.13
CA SER B 139 -23.16 29.72 -18.98
C SER B 139 -22.97 28.67 -17.91
N MET B 140 -21.76 28.57 -17.38
CA MET B 140 -21.46 27.72 -16.22
C MET B 140 -20.95 28.37 -14.94
N VAL B 141 -21.24 27.73 -13.80
CA VAL B 141 -20.73 28.18 -12.49
C VAL B 141 -20.27 26.94 -11.67
N THR B 142 -19.22 27.15 -10.87
CA THR B 142 -18.59 26.15 -9.98
C THR B 142 -18.79 26.44 -8.50
N LEU B 143 -19.31 25.47 -7.76
CA LEU B 143 -19.47 25.60 -6.32
C LEU B 143 -18.52 24.57 -5.69
N GLY B 144 -18.33 24.69 -4.39
CA GLY B 144 -17.47 23.78 -3.64
C GLY B 144 -17.86 23.69 -2.19
N CYS B 145 -17.32 22.71 -1.50
CA CYS B 145 -17.51 22.62 -0.08
C CYS B 145 -16.14 22.34 0.54
N LEU B 146 -15.75 23.07 1.58
CA LEU B 146 -14.47 22.80 2.23
C LEU B 146 -14.70 22.05 3.55
N VAL B 147 -14.10 20.87 3.67
CA VAL B 147 -14.29 20.03 4.86
C VAL B 147 -13.03 19.95 5.72
N LYS B 148 -12.97 20.72 6.82
CA LYS B 148 -11.70 20.97 7.50
C LYS B 148 -11.76 20.41 8.93
N GLY B 149 -10.68 19.71 9.31
CA GLY B 149 -10.43 19.34 10.69
C GLY B 149 -11.25 18.18 11.24
N TYR B 150 -11.42 17.11 10.43
CA TYR B 150 -12.17 15.95 10.95
C TYR B 150 -11.23 14.73 11.18
N PHE B 151 -11.74 13.74 11.93
CA PHE B 151 -11.02 12.52 12.19
C PHE B 151 -12.00 11.49 12.82
N PRO B 152 -11.92 10.19 12.43
CA PRO B 152 -11.02 9.65 11.39
C PRO B 152 -11.68 9.72 10.06
N GLU B 153 -11.11 9.08 9.05
CA GLU B 153 -11.85 8.89 7.80
C GLU B 153 -12.90 7.78 7.98
N PRO B 154 -13.93 7.78 7.15
CA PRO B 154 -14.18 8.71 6.06
C PRO B 154 -15.29 9.75 6.33
N VAL B 155 -15.39 10.67 5.37
CA VAL B 155 -16.59 11.45 5.24
C VAL B 155 -17.25 10.96 3.96
N THR B 156 -18.54 11.24 3.87
CA THR B 156 -19.30 11.01 2.69
C THR B 156 -19.74 12.34 2.28
N VAL B 157 -19.51 12.64 1.02
CA VAL B 157 -19.95 13.91 0.53
C VAL B 157 -20.96 13.63 -0.52
N THR B 158 -22.15 14.22 -0.40
CA THR B 158 -23.07 14.15 -1.53
C THR B 158 -23.56 15.55 -1.91
N TRP B 159 -24.23 15.67 -3.05
CA TRP B 159 -24.79 16.96 -3.44
C TRP B 159 -26.28 16.86 -3.72
N ASN B 160 -27.05 17.72 -3.08
CA ASN B 160 -28.50 17.65 -3.20
C ASN B 160 -29.09 16.26 -2.93
N SER B 161 -28.70 15.67 -1.79
CA SER B 161 -29.20 14.34 -1.37
C SER B 161 -28.98 13.25 -2.42
N GLY B 162 -27.91 13.42 -3.20
CA GLY B 162 -27.48 12.50 -4.24
C GLY B 162 -28.06 12.75 -5.59
N SER B 163 -28.90 13.77 -5.74
CA SER B 163 -29.46 14.08 -7.05
C SER B 163 -28.44 14.80 -7.92
N LEU B 164 -27.44 15.44 -7.30
CA LEU B 164 -26.39 15.98 -8.11
C LEU B 164 -25.27 14.95 -8.10
N SER B 165 -25.03 14.30 -9.22
CA SER B 165 -24.07 13.23 -9.21
C SER B 165 -23.40 13.23 -10.57
N GLY B 166 -23.47 14.35 -11.25
CA GLY B 166 -22.97 14.43 -12.60
C GLY B 166 -21.62 15.04 -12.83
N GLY B 167 -21.39 16.20 -12.26
CA GLY B 167 -20.16 16.94 -12.52
C GLY B 167 -19.41 17.23 -11.22
N VAL B 168 -19.27 16.21 -10.40
CA VAL B 168 -18.60 16.32 -9.13
C VAL B 168 -17.20 15.73 -9.07
N HIS B 169 -16.28 16.49 -8.46
CA HIS B 169 -14.93 16.07 -8.09
C HIS B 169 -14.66 16.20 -6.59
N THR B 170 -14.61 15.05 -5.91
CA THR B 170 -14.22 14.99 -4.47
C THR B 170 -12.80 14.52 -4.32
N PHE B 171 -11.93 15.35 -3.76
CA PHE B 171 -10.49 15.05 -3.77
C PHE B 171 -10.20 14.22 -2.56
N PRO B 172 -9.18 13.35 -2.67
CA PRO B 172 -8.70 12.52 -1.55
C PRO B 172 -8.33 13.39 -0.37
N ALA B 173 -8.63 12.98 0.87
CA ALA B 173 -8.25 13.71 2.06
C ALA B 173 -6.73 13.85 2.26
N VAL B 174 -6.37 14.97 2.89
CA VAL B 174 -5.01 15.33 3.30
C VAL B 174 -4.92 15.66 4.80
N LEU B 175 -3.72 15.49 5.34
CA LEU B 175 -3.43 15.76 6.74
C LEU B 175 -3.10 17.23 7.02
N GLN B 176 -3.90 17.87 7.88
CA GLN B 176 -3.77 19.29 8.23
C GLN B 176 -3.83 19.58 9.74
N SER B 177 -2.66 19.89 10.33
CA SER B 177 -2.58 20.10 11.78
C SER B 177 -3.14 18.84 12.51
N ASP B 178 -2.51 17.69 12.24
CA ASP B 178 -2.87 16.41 12.88
C ASP B 178 -4.33 15.93 12.61
N LEU B 179 -4.98 16.60 11.65
CA LEU B 179 -6.32 16.32 11.16
C LEU B 179 -6.50 16.29 9.63
N TYR B 180 -7.63 15.73 9.18
CA TYR B 180 -7.85 15.58 7.74
C TYR B 180 -8.69 16.71 7.18
N THR B 181 -8.36 17.03 5.94
CA THR B 181 -9.08 18.00 5.18
C THR B 181 -9.20 17.54 3.75
N LEU B 182 -10.39 17.74 3.21
CA LEU B 182 -10.65 17.57 1.79
C LEU B 182 -11.64 18.63 1.31
N SER B 183 -11.78 18.66 0.00
CA SER B 183 -12.69 19.58 -0.63
C SER B 183 -13.42 18.80 -1.70
N SER B 184 -14.57 19.32 -2.11
CA SER B 184 -15.34 18.72 -3.18
C SER B 184 -15.83 19.91 -4.01
N SER B 185 -15.66 19.82 -5.34
CA SER B 185 -16.22 20.78 -6.26
C SER B 185 -17.41 20.16 -7.00
N VAL B 186 -18.34 21.00 -7.42
CA VAL B 186 -19.39 20.55 -8.31
C VAL B 186 -19.60 21.62 -9.40
N THR B 187 -19.70 21.22 -10.66
CA THR B 187 -19.87 22.18 -11.76
C THR B 187 -21.33 21.94 -12.29
N VAL B 188 -22.11 23.01 -12.37
CA VAL B 188 -23.54 22.94 -12.75
C VAL B 188 -23.92 24.09 -13.68
N PRO B 189 -25.06 23.97 -14.39
CA PRO B 189 -25.58 25.06 -15.22
C PRO B 189 -25.98 26.31 -14.43
N SER B 190 -25.69 27.47 -15.00
CA SER B 190 -26.04 28.73 -14.34
C SER B 190 -27.59 28.94 -14.16
N SER B 191 -28.40 28.24 -14.96
CA SER B 191 -29.87 28.29 -14.83
C SER B 191 -30.37 27.72 -13.48
N THR B 192 -29.52 26.89 -12.87
CA THR B 192 -29.80 26.18 -11.59
C THR B 192 -29.21 26.84 -10.31
N TRP B 193 -28.25 27.76 -10.46
CA TRP B 193 -27.68 28.44 -9.31
C TRP B 193 -27.34 29.88 -9.70
N PRO B 194 -27.69 30.85 -8.81
CA PRO B 194 -28.24 30.58 -7.48
C PRO B 194 -29.80 30.56 -7.41
N SER B 195 -30.42 30.40 -8.58
CA SER B 195 -31.88 30.38 -8.79
C SER B 195 -32.53 29.24 -7.99
N GLU B 196 -31.86 28.08 -7.92
CA GLU B 196 -32.22 27.08 -6.89
C GLU B 196 -31.15 26.61 -5.92
N THR B 197 -31.61 25.79 -4.98
CA THR B 197 -30.84 25.49 -3.78
C THR B 197 -29.75 24.51 -4.21
N VAL B 198 -28.52 24.72 -3.76
CA VAL B 198 -27.50 23.69 -3.87
C VAL B 198 -26.95 23.37 -2.49
N THR B 199 -27.08 22.13 -2.04
CA THR B 199 -26.64 21.88 -0.68
C THR B 199 -25.69 20.70 -0.73
N CYS B 200 -24.59 20.80 -0.01
CA CYS B 200 -23.73 19.65 0.12
C CYS B 200 -24.01 19.03 1.49
N ASN B 201 -24.15 17.71 1.53
CA ASN B 201 -24.48 17.04 2.77
C ASN B 201 -23.23 16.27 3.12
N VAL B 202 -22.68 16.54 4.28
CA VAL B 202 -21.42 15.93 4.67
C VAL B 202 -21.69 15.12 5.93
N ALA B 203 -21.48 13.82 5.80
CA ALA B 203 -21.62 12.85 6.87
C ALA B 203 -20.26 12.39 7.42
N HIS B 204 -20.20 12.45 8.75
CA HIS B 204 -19.08 11.88 9.43
C HIS B 204 -19.55 10.84 10.46
N PRO B 205 -19.71 9.60 9.98
CA PRO B 205 -20.24 8.46 10.73
C PRO B 205 -19.55 8.30 12.09
N ALA B 206 -18.24 8.54 12.15
CA ALA B 206 -17.58 8.30 13.40
C ALA B 206 -18.04 9.24 14.49
N SER B 207 -18.43 10.45 14.10
CA SER B 207 -18.94 11.42 15.08
C SER B 207 -20.44 11.56 15.09
N SER B 208 -21.09 10.68 14.35
CA SER B 208 -22.54 10.77 14.17
C SER B 208 -22.86 12.21 13.74
N THR B 209 -22.14 12.71 12.74
CA THR B 209 -22.34 14.09 12.32
C THR B 209 -23.03 14.08 10.97
N LYS B 210 -23.99 14.97 10.81
CA LYS B 210 -24.69 15.10 9.56
C LYS B 210 -25.14 16.53 9.48
N VAL B 211 -24.48 17.28 8.60
CA VAL B 211 -24.74 18.69 8.52
C VAL B 211 -25.01 19.00 7.06
N ASP B 212 -26.03 19.83 6.82
CA ASP B 212 -26.28 20.31 5.49
C ASP B 212 -25.77 21.74 5.44
N LYS B 213 -25.05 22.10 4.38
CA LYS B 213 -24.62 23.48 4.17
C LYS B 213 -25.07 23.95 2.81
N LYS B 214 -26.08 24.82 2.80
CA LYS B 214 -26.62 25.45 1.58
C LYS B 214 -25.59 26.52 1.14
N ILE B 215 -25.27 26.52 -0.14
CA ILE B 215 -24.34 27.47 -0.73
C ILE B 215 -25.02 28.75 -1.21
N VAL B 216 -24.59 29.85 -0.60
CA VAL B 216 -25.14 31.18 -0.85
C VAL B 216 -24.02 32.08 -1.37
N PRO B 217 -24.34 32.91 -2.39
CA PRO B 217 -23.49 33.88 -3.08
C PRO B 217 -22.84 34.81 -2.09
N ARG B 218 -21.67 35.38 -2.40
CA ARG B 218 -21.01 36.26 -1.45
C ARG B 218 -20.61 35.52 -0.18
N ASP C 1 21.27 -7.28 -1.77
CA ASP C 1 19.90 -7.16 -2.26
C ASP C 1 19.81 -7.13 -3.77
N ILE C 2 18.89 -7.90 -4.37
CA ILE C 2 18.67 -7.77 -5.80
C ILE C 2 17.71 -6.56 -6.01
N VAL C 3 18.17 -5.54 -6.76
CA VAL C 3 17.37 -4.35 -7.09
C VAL C 3 16.69 -4.63 -8.43
N LEU C 4 15.39 -4.41 -8.47
CA LEU C 4 14.58 -4.60 -9.68
C LEU C 4 14.19 -3.21 -10.26
N THR C 5 14.64 -2.95 -11.50
CA THR C 5 14.31 -1.70 -12.14
C THR C 5 13.29 -1.83 -13.23
N GLN C 6 12.16 -1.13 -13.04
CA GLN C 6 11.11 -1.16 -14.03
C GLN C 6 11.05 0.12 -14.86
N SER C 7 10.78 0.03 -16.16
CA SER C 7 10.64 1.26 -16.96
C SER C 7 9.62 1.09 -18.09
N PRO C 8 8.97 2.21 -18.47
CA PRO C 8 9.04 3.50 -17.79
C PRO C 8 8.22 3.47 -16.53
N ALA C 9 8.34 4.52 -15.73
CA ALA C 9 7.58 4.64 -14.51
C ALA C 9 6.10 4.87 -14.82
N ILE C 10 5.79 5.55 -15.94
CA ILE C 10 4.39 5.75 -16.31
C ILE C 10 4.33 5.51 -17.78
N LEU C 11 3.31 4.81 -18.25
CA LEU C 11 3.16 4.61 -19.69
C LEU C 11 1.76 4.98 -20.17
N SER C 12 1.63 5.86 -21.17
CA SER C 12 0.32 6.14 -21.70
C SER C 12 0.04 5.28 -22.98
N VAL C 13 -1.14 4.64 -23.04
CA VAL C 13 -1.49 3.71 -24.13
C VAL C 13 -2.93 3.86 -24.59
N SER C 14 -3.21 3.49 -25.85
CA SER C 14 -4.57 3.57 -26.37
C SER C 14 -5.16 2.16 -26.43
N PRO C 15 -6.43 2.04 -26.03
CA PRO C 15 -7.18 0.77 -25.99
C PRO C 15 -7.04 -0.05 -27.28
N GLY C 16 -6.79 -1.34 -27.07
CA GLY C 16 -6.65 -2.33 -28.14
C GLY C 16 -5.23 -2.50 -28.62
N GLU C 17 -4.39 -1.56 -28.24
CA GLU C 17 -2.98 -1.52 -28.61
C GLU C 17 -2.26 -2.63 -27.78
N ARG C 18 -1.21 -3.20 -28.35
CA ARG C 18 -0.37 -4.15 -27.62
C ARG C 18 0.73 -3.35 -26.88
N VAL C 19 0.88 -3.59 -25.58
CA VAL C 19 1.91 -2.89 -24.78
C VAL C 19 2.84 -3.80 -23.98
N SER C 20 4.01 -3.24 -23.68
CA SER C 20 5.02 -3.94 -22.90
C SER C 20 5.79 -3.13 -21.90
N PHE C 21 6.15 -3.80 -20.82
CA PHE C 21 7.07 -3.17 -19.94
C PHE C 21 8.01 -4.20 -19.37
N SER C 22 9.11 -3.71 -18.82
CA SER C 22 10.26 -4.56 -18.55
C SER C 22 10.65 -4.49 -17.10
N CYS C 23 11.24 -5.58 -16.61
CA CYS C 23 11.78 -5.64 -15.25
C CYS C 23 13.20 -6.20 -15.34
N ARG C 24 14.19 -5.46 -14.87
CA ARG C 24 15.58 -5.92 -14.90
C ARG C 24 16.24 -6.06 -13.53
N ALA C 25 16.85 -7.22 -13.34
CA ALA C 25 17.47 -7.55 -12.08
C ALA C 25 18.96 -7.32 -12.06
N SER C 26 19.46 -6.85 -10.93
CA SER C 26 20.88 -6.54 -10.77
C SER C 26 21.78 -7.81 -10.74
N GLN C 27 21.19 -8.97 -10.45
CA GLN C 27 21.87 -10.26 -10.47
C GLN C 27 20.98 -11.28 -11.21
N ASN C 28 21.59 -12.34 -11.69
CA ASN C 28 20.85 -13.40 -12.37
C ASN C 28 19.91 -14.16 -11.44
N ILE C 29 18.62 -14.24 -11.79
CA ILE C 29 17.67 -14.94 -10.96
C ILE C 29 16.94 -16.05 -11.66
N GLY C 30 17.47 -16.52 -12.79
CA GLY C 30 16.81 -17.58 -13.53
C GLY C 30 15.45 -17.10 -13.91
N THR C 31 14.42 -17.86 -13.57
CA THR C 31 13.06 -17.41 -13.88
C THR C 31 12.23 -16.93 -12.63
N SER C 32 12.88 -16.61 -11.51
CA SER C 32 12.20 -16.29 -10.26
C SER C 32 11.65 -14.85 -10.16
N ILE C 33 10.85 -14.46 -11.14
CA ILE C 33 10.19 -13.14 -11.15
C ILE C 33 8.67 -13.29 -11.33
N HIS C 34 7.89 -12.50 -10.61
CA HIS C 34 6.45 -12.59 -10.71
C HIS C 34 5.86 -11.22 -10.95
N TRP C 35 4.70 -11.14 -11.62
CA TRP C 35 4.09 -9.85 -11.93
C TRP C 35 2.77 -9.69 -11.26
N TYR C 36 2.54 -8.50 -10.74
CA TYR C 36 1.26 -8.19 -10.07
C TYR C 36 0.58 -6.95 -10.65
N GLN C 37 -0.73 -6.96 -10.70
CA GLN C 37 -1.49 -5.81 -11.12
C GLN C 37 -2.22 -5.16 -9.96
N GLN C 38 -2.15 -3.86 -9.85
CA GLN C 38 -2.88 -3.24 -8.74
C GLN C 38 -3.69 -2.03 -9.23
N ARG C 39 -4.99 -2.22 -9.30
CA ARG C 39 -5.86 -1.13 -9.67
C ARG C 39 -6.06 -0.26 -8.48
N THR C 40 -6.41 1.00 -8.72
CA THR C 40 -6.65 2.01 -7.67
C THR C 40 -7.56 1.40 -6.59
N ASN C 41 -7.16 1.56 -5.33
CA ASN C 41 -7.88 1.08 -4.13
C ASN C 41 -8.21 -0.40 -4.05
N GLU C 42 -7.34 -1.23 -4.63
CA GLU C 42 -7.49 -2.70 -4.55
C GLU C 42 -6.22 -3.41 -4.10
N SER C 43 -6.33 -4.68 -3.73
CA SER C 43 -5.15 -5.47 -3.44
C SER C 43 -4.50 -5.76 -4.77
N PRO C 44 -3.19 -6.06 -4.74
CA PRO C 44 -2.49 -6.56 -5.92
C PRO C 44 -3.03 -7.94 -6.28
N ARG C 45 -2.83 -8.32 -7.54
CA ARG C 45 -3.27 -9.58 -8.09
C ARG C 45 -2.14 -10.18 -8.95
N LEU C 46 -1.84 -11.48 -8.75
CA LEU C 46 -0.82 -12.22 -9.50
C LEU C 46 -1.30 -12.40 -10.94
N ILE C 47 -0.44 -12.07 -11.89
CA ILE C 47 -0.79 -12.03 -13.30
C ILE C 47 0.07 -13.03 -14.12
N ILE C 48 1.32 -13.15 -13.72
CA ILE C 48 2.25 -14.10 -14.30
C ILE C 48 3.22 -14.56 -13.21
N LYS C 49 3.49 -15.83 -13.17
CA LYS C 49 4.45 -16.28 -12.20
C LYS C 49 5.64 -16.89 -12.93
N TYR C 50 6.79 -16.85 -12.29
CA TYR C 50 7.98 -17.43 -12.85
C TYR C 50 8.23 -17.03 -14.28
N ALA C 51 8.26 -15.73 -14.50
CA ALA C 51 8.59 -15.13 -15.80
C ALA C 51 7.51 -15.34 -16.82
N SER C 52 6.93 -16.56 -16.89
CA SER C 52 6.08 -16.91 -18.06
C SER C 52 4.89 -17.85 -17.78
N GLU C 53 4.67 -18.29 -16.55
CA GLU C 53 3.64 -19.27 -16.35
C GLU C 53 2.34 -18.53 -16.17
N SER C 54 1.32 -18.94 -16.88
CA SER C 54 0.03 -18.24 -16.82
C SER C 54 -0.69 -18.54 -15.52
N ILE C 55 -1.65 -17.72 -15.13
CA ILE C 55 -2.31 -17.94 -13.83
C ILE C 55 -3.77 -18.16 -14.05
N SER C 56 -4.32 -19.12 -13.35
CA SER C 56 -5.72 -19.46 -13.45
C SER C 56 -6.57 -18.23 -13.23
N GLY C 57 -7.49 -17.97 -14.19
CA GLY C 57 -8.49 -16.89 -14.17
C GLY C 57 -8.03 -15.50 -14.60
N ILE C 58 -6.79 -15.45 -15.06
CA ILE C 58 -6.22 -14.23 -15.62
C ILE C 58 -6.36 -14.38 -17.14
N PRO C 59 -6.80 -13.32 -17.78
CA PRO C 59 -7.03 -13.31 -19.22
C PRO C 59 -5.81 -13.71 -20.00
N SER C 60 -6.02 -14.53 -21.01
CA SER C 60 -4.92 -15.06 -21.80
C SER C 60 -4.15 -13.96 -22.56
N ARG C 61 -4.73 -12.76 -22.64
CA ARG C 61 -4.06 -11.64 -23.30
C ARG C 61 -2.77 -11.22 -22.55
N PHE C 62 -2.67 -11.58 -21.28
CA PHE C 62 -1.44 -11.32 -20.53
C PHE C 62 -0.38 -12.42 -20.77
N SER C 63 0.85 -11.99 -21.05
CA SER C 63 1.92 -12.96 -21.15
C SER C 63 3.16 -12.30 -20.65
N GLY C 64 4.17 -13.13 -20.28
CA GLY C 64 5.46 -12.64 -19.85
C GLY C 64 6.51 -13.52 -20.49
N SER C 65 7.69 -12.98 -20.68
CA SER C 65 8.83 -13.70 -21.25
C SER C 65 10.12 -13.25 -20.56
N GLY C 66 11.21 -14.00 -20.76
CA GLY C 66 12.50 -13.58 -20.23
C GLY C 66 13.07 -14.59 -19.25
N SER C 67 14.38 -14.54 -19.07
CA SER C 67 15.05 -15.42 -18.13
C SER C 67 16.45 -14.93 -17.79
N GLY C 68 16.80 -14.80 -16.52
CA GLY C 68 18.11 -14.27 -16.19
C GLY C 68 18.04 -12.94 -15.49
N THR C 69 18.13 -11.83 -16.22
CA THR C 69 18.16 -10.53 -15.55
C THR C 69 17.13 -9.65 -16.24
N ASP C 70 16.79 -9.98 -17.50
CA ASP C 70 15.93 -9.15 -18.30
C ASP C 70 14.56 -9.80 -18.56
N PHE C 71 13.50 -9.24 -17.99
CA PHE C 71 12.14 -9.78 -18.07
C PHE C 71 11.18 -8.75 -18.69
N THR C 72 10.15 -9.21 -19.40
CA THR C 72 9.15 -8.34 -20.05
C THR C 72 7.72 -8.91 -19.80
N LEU C 73 6.76 -8.05 -19.48
CA LEU C 73 5.34 -8.42 -19.43
C LEU C 73 4.70 -7.79 -20.62
N SER C 74 3.87 -8.51 -21.37
CA SER C 74 3.23 -7.88 -22.51
C SER C 74 1.71 -8.03 -22.41
N ILE C 75 0.97 -7.00 -22.83
CA ILE C 75 -0.49 -7.16 -22.91
C ILE C 75 -1.00 -7.02 -24.35
N ASN C 76 -1.55 -8.12 -24.86
CA ASN C 76 -1.94 -8.20 -26.27
C ASN C 76 -2.96 -7.11 -26.68
N SER C 77 -4.01 -6.87 -25.88
CA SER C 77 -5.03 -5.90 -26.26
C SER C 77 -5.54 -5.25 -24.99
N VAL C 78 -5.05 -4.05 -24.76
CA VAL C 78 -5.28 -3.36 -23.50
C VAL C 78 -6.74 -3.01 -23.36
N GLU C 79 -7.36 -3.29 -22.23
CA GLU C 79 -8.75 -2.92 -22.00
C GLU C 79 -8.72 -1.97 -20.82
N SER C 80 -9.76 -1.17 -20.65
CA SER C 80 -9.76 -0.16 -19.60
C SER C 80 -9.49 -0.74 -18.23
N GLU C 81 -9.95 -1.96 -18.03
CA GLU C 81 -9.81 -2.57 -16.72
C GLU C 81 -8.33 -2.95 -16.47
N ASP C 82 -7.51 -2.86 -17.52
CA ASP C 82 -6.09 -3.19 -17.38
C ASP C 82 -5.30 -1.96 -16.91
N ILE C 83 -5.94 -0.77 -16.90
CA ILE C 83 -5.26 0.42 -16.43
C ILE C 83 -4.99 0.28 -14.90
N ALA C 84 -3.73 0.30 -14.50
CA ALA C 84 -3.37 -0.14 -13.15
C ALA C 84 -1.89 -0.02 -13.06
N ASP C 85 -1.37 -0.24 -11.85
CA ASP C 85 0.05 -0.37 -11.68
C ASP C 85 0.46 -1.81 -11.72
N TYR C 86 1.65 -2.04 -12.26
CA TYR C 86 2.20 -3.37 -12.42
C TYR C 86 3.55 -3.39 -11.75
N TYR C 87 3.78 -4.35 -10.85
CA TYR C 87 5.06 -4.43 -10.08
C TYR C 87 5.69 -5.76 -10.37
N CYS C 88 7.01 -5.84 -10.49
CA CYS C 88 7.66 -7.19 -10.51
C CYS C 88 8.25 -7.50 -9.20
N GLN C 89 8.44 -8.77 -8.91
CA GLN C 89 9.00 -9.18 -7.64
C GLN C 89 9.83 -10.46 -7.77
N GLN C 90 10.97 -10.54 -7.08
CA GLN C 90 11.79 -11.77 -7.08
C GLN C 90 11.79 -12.54 -5.79
N SER C 91 11.88 -13.85 -5.91
CA SER C 91 11.85 -14.80 -4.81
C SER C 91 13.06 -15.74 -4.90
N ASN C 92 14.07 -15.34 -5.65
CA ASN C 92 15.22 -16.21 -5.82
C ASN C 92 15.97 -16.30 -4.49
N THR C 93 16.24 -15.20 -3.82
CA THR C 93 16.94 -15.21 -2.51
C THR C 93 16.40 -14.09 -1.64
N TRP C 94 16.67 -14.17 -0.34
CA TRP C 94 16.24 -13.12 0.55
C TRP C 94 17.16 -11.87 0.41
N PRO C 95 16.56 -10.66 0.58
CA PRO C 95 15.13 -10.37 0.81
C PRO C 95 14.35 -10.41 -0.53
N TYR C 96 13.06 -10.72 -0.45
CA TYR C 96 12.17 -10.54 -1.58
C TYR C 96 12.31 -9.06 -1.99
N THR C 97 12.32 -8.73 -3.25
CA THR C 97 12.31 -7.33 -3.56
C THR C 97 11.25 -7.07 -4.63
N PHE C 98 10.73 -5.86 -4.71
CA PHE C 98 9.74 -5.52 -5.68
C PHE C 98 10.34 -4.41 -6.57
N GLY C 99 9.99 -4.41 -7.85
CA GLY C 99 10.23 -3.27 -8.72
C GLY C 99 9.38 -2.12 -8.25
N GLY C 100 9.70 -0.93 -8.76
CA GLY C 100 8.99 0.27 -8.35
C GLY C 100 7.66 0.46 -9.06
N GLY C 101 7.31 -0.39 -10.02
CA GLY C 101 6.00 -0.31 -10.63
C GLY C 101 6.04 0.50 -11.93
N THR C 102 5.15 0.13 -12.83
CA THR C 102 4.85 0.83 -14.07
C THR C 102 3.37 1.11 -14.03
N LYS C 103 3.00 2.36 -14.17
CA LYS C 103 1.61 2.77 -14.14
C LYS C 103 1.10 2.81 -15.59
N LEU C 104 -0.04 2.17 -15.82
CA LEU C 104 -0.70 2.22 -17.12
C LEU C 104 -1.80 3.28 -17.17
N GLU C 105 -1.74 4.02 -18.25
CA GLU C 105 -2.76 4.99 -18.53
C GLU C 105 -3.23 5.01 -19.99
N LEU C 106 -4.42 5.57 -20.10
CA LEU C 106 -5.18 5.76 -21.33
C LEU C 106 -4.67 7.03 -22.01
N LYS C 107 -4.42 6.97 -23.32
CA LYS C 107 -4.03 8.16 -24.08
C LYS C 107 -5.28 8.95 -24.41
N ARG C 108 -5.19 10.25 -24.17
CA ARG C 108 -6.29 11.12 -24.56
C ARG C 108 -5.74 12.47 -25.04
N ALA C 109 -6.65 13.34 -25.49
CA ALA C 109 -6.30 14.67 -25.97
C ALA C 109 -5.73 15.57 -24.90
N ASP C 110 -4.73 16.42 -25.24
CA ASP C 110 -4.27 17.38 -24.23
C ASP C 110 -5.49 18.22 -23.87
N ALA C 111 -5.63 18.59 -22.60
CA ALA C 111 -6.78 19.40 -22.16
C ALA C 111 -6.26 20.36 -21.08
N ALA C 112 -6.52 21.65 -21.26
CA ALA C 112 -6.11 22.63 -20.27
C ALA C 112 -6.96 22.53 -19.02
N PRO C 113 -6.38 22.95 -17.88
CA PRO C 113 -7.09 22.90 -16.60
C PRO C 113 -8.15 23.99 -16.56
N THR C 114 -9.31 23.67 -15.97
CA THR C 114 -10.31 24.64 -15.56
C THR C 114 -10.09 25.26 -14.16
N VAL C 115 -9.85 26.56 -14.06
CA VAL C 115 -9.46 27.07 -12.76
C VAL C 115 -10.57 27.89 -12.15
N SER C 116 -10.94 27.61 -10.89
CA SER C 116 -11.98 28.37 -10.21
C SER C 116 -11.34 28.70 -8.88
N ILE C 117 -11.39 29.94 -8.45
CA ILE C 117 -10.81 30.27 -7.15
C ILE C 117 -11.95 30.68 -6.25
N PHE C 118 -11.87 30.34 -4.97
CA PHE C 118 -12.95 30.63 -4.03
C PHE C 118 -12.35 31.26 -2.78
N PRO C 119 -12.93 32.40 -2.34
CA PRO C 119 -12.48 33.01 -1.09
C PRO C 119 -13.06 32.30 0.15
N PRO C 120 -12.47 32.55 1.32
CA PRO C 120 -12.92 32.02 2.63
C PRO C 120 -14.40 32.33 2.95
N SER C 121 -15.12 31.38 3.54
CA SER C 121 -16.47 31.70 3.98
C SER C 121 -16.50 32.68 5.14
N SER C 122 -17.60 33.43 5.30
CA SER C 122 -17.79 34.30 6.49
C SER C 122 -17.81 33.52 7.81
N GLU C 123 -18.42 32.34 7.78
CA GLU C 123 -18.47 31.43 8.92
C GLU C 123 -17.06 31.23 9.43
N GLN C 124 -16.23 30.83 8.47
CA GLN C 124 -14.86 30.54 8.76
C GLN C 124 -14.07 31.77 9.19
N LEU C 125 -14.32 32.90 8.53
CA LEU C 125 -13.58 34.09 8.90
C LEU C 125 -13.96 34.36 10.36
N THR C 126 -15.20 34.01 10.71
CA THR C 126 -15.75 34.17 12.06
C THR C 126 -15.06 33.33 13.16
N SER C 127 -14.52 32.19 12.75
CA SER C 127 -13.88 31.28 13.68
C SER C 127 -12.39 31.56 13.73
N GLY C 128 -12.00 32.60 13.00
CA GLY C 128 -10.64 33.08 12.92
C GLY C 128 -9.77 32.42 11.86
N GLY C 129 -10.42 31.66 11.00
CA GLY C 129 -9.71 30.96 9.94
C GLY C 129 -9.93 31.50 8.56
N ALA C 130 -8.95 31.27 7.69
CA ALA C 130 -9.03 31.71 6.31
C ALA C 130 -8.33 30.73 5.35
N SER C 131 -9.12 29.95 4.63
CA SER C 131 -8.58 29.05 3.63
C SER C 131 -8.99 29.52 2.25
N VAL C 132 -8.02 29.73 1.38
CA VAL C 132 -8.30 30.11 -0.02
C VAL C 132 -8.17 28.88 -0.87
N VAL C 133 -9.21 28.56 -1.64
CA VAL C 133 -9.25 27.33 -2.42
C VAL C 133 -9.16 27.55 -3.91
N CYS C 134 -8.40 26.67 -4.54
CA CYS C 134 -8.24 26.67 -5.97
C CYS C 134 -8.51 25.24 -6.50
N PHE C 135 -9.48 25.10 -7.42
CA PHE C 135 -9.74 23.84 -8.08
C PHE C 135 -9.17 23.86 -9.51
N LEU C 136 -8.45 22.83 -9.90
CA LEU C 136 -7.98 22.71 -11.30
C LEU C 136 -8.57 21.40 -11.85
N ASN C 137 -9.67 21.49 -12.60
CA ASN C 137 -10.48 20.30 -12.93
C ASN C 137 -10.31 19.88 -14.43
N ASN C 138 -10.38 18.56 -14.70
CA ASN C 138 -10.43 17.91 -16.06
C ASN C 138 -9.30 18.27 -17.07
N PHE C 139 -8.04 18.13 -16.68
CA PHE C 139 -6.89 18.39 -17.55
C PHE C 139 -6.12 17.11 -17.90
N TYR C 140 -5.30 17.18 -18.96
CA TYR C 140 -4.47 16.05 -19.37
C TYR C 140 -3.26 16.54 -20.21
N PRO C 141 -2.06 15.97 -20.01
CA PRO C 141 -1.75 14.87 -19.08
C PRO C 141 -1.67 15.30 -17.60
N LYS C 142 -1.36 14.35 -16.72
CA LYS C 142 -1.49 14.60 -15.28
C LYS C 142 -0.55 15.66 -14.78
N ASP C 143 0.64 15.75 -15.36
CA ASP C 143 1.61 16.69 -14.84
C ASP C 143 1.06 18.13 -14.92
N ILE C 144 1.19 18.80 -13.77
CA ILE C 144 0.77 20.16 -13.55
C ILE C 144 1.38 20.70 -12.26
N ASN C 145 1.79 21.96 -12.27
CA ASN C 145 2.35 22.57 -11.06
C ASN C 145 1.50 23.76 -10.59
N VAL C 146 1.24 23.87 -9.29
CA VAL C 146 0.46 25.01 -8.84
C VAL C 146 1.35 25.84 -7.92
N LYS C 147 1.36 27.14 -8.22
CA LYS C 147 2.07 28.16 -7.48
C LYS C 147 1.03 29.18 -7.01
N TRP C 148 1.15 29.55 -5.75
CA TRP C 148 0.32 30.58 -5.14
C TRP C 148 1.11 31.90 -5.08
N LYS C 149 0.42 33.02 -5.25
CA LYS C 149 1.11 34.29 -5.08
C LYS C 149 0.25 35.17 -4.21
N ILE C 150 0.92 35.92 -3.35
CA ILE C 150 0.27 36.92 -2.55
C ILE C 150 0.87 38.33 -2.66
N ASP C 151 0.06 39.25 -3.15
CA ASP C 151 0.45 40.63 -3.42
C ASP C 151 1.74 40.67 -4.26
N GLY C 152 1.81 39.70 -5.16
CA GLY C 152 2.84 39.52 -6.17
C GLY C 152 3.98 38.60 -5.78
N SER C 153 4.14 38.35 -4.48
CA SER C 153 5.27 37.54 -4.03
C SER C 153 4.80 36.10 -3.84
N GLU C 154 5.48 35.13 -4.41
CA GLU C 154 5.08 33.73 -4.29
C GLU C 154 5.17 33.16 -2.87
N ARG C 155 4.06 32.66 -2.33
CA ARG C 155 4.00 31.99 -1.00
C ARG C 155 4.06 30.47 -1.28
N GLN C 156 4.77 29.71 -0.42
CA GLN C 156 5.09 28.23 -0.49
C GLN C 156 4.63 27.64 0.82
N ASN C 157 4.62 28.44 1.86
CA ASN C 157 4.22 27.93 3.16
C ASN C 157 2.64 28.04 3.35
N GLY C 158 2.07 26.99 3.95
CA GLY C 158 0.65 26.88 4.27
C GLY C 158 -0.19 26.41 3.09
N VAL C 159 0.44 25.77 2.11
CA VAL C 159 -0.18 25.21 0.91
C VAL C 159 -0.27 23.67 0.90
N LEU C 160 -1.48 23.14 0.86
CA LEU C 160 -1.72 21.69 0.79
C LEU C 160 -2.45 21.25 -0.49
N ASN C 161 -1.89 20.23 -1.15
CA ASN C 161 -2.41 19.74 -2.44
C ASN C 161 -3.02 18.32 -2.39
N SER C 162 -3.98 18.06 -3.28
CA SER C 162 -4.60 16.75 -3.37
C SER C 162 -4.99 16.40 -4.83
N GLU C 163 -4.73 15.19 -5.31
CA GLU C 163 -4.99 14.87 -6.74
C GLU C 163 -6.00 13.70 -6.90
N THR C 164 -6.91 13.79 -7.88
CA THR C 164 -7.82 12.64 -8.13
C THR C 164 -7.14 11.67 -9.10
N ASP C 165 -7.69 10.46 -9.16
CA ASP C 165 -7.23 9.50 -10.15
C ASP C 165 -7.84 9.78 -11.54
N GLN C 166 -7.27 9.18 -12.59
CA GLN C 166 -7.79 9.41 -13.93
C GLN C 166 -9.24 9.03 -13.94
N ASP C 167 -10.10 9.90 -14.52
CA ASP C 167 -11.55 9.67 -14.60
C ASP C 167 -11.88 8.43 -15.46
N SER C 168 -12.76 7.56 -14.94
CA SER C 168 -13.10 6.32 -15.67
C SER C 168 -13.85 6.57 -16.95
N LYS C 169 -14.61 7.65 -16.99
CA LYS C 169 -15.39 7.98 -18.16
C LYS C 169 -14.62 8.83 -19.16
N ASP C 170 -14.12 9.99 -18.74
CA ASP C 170 -13.46 10.86 -19.70
C ASP C 170 -11.93 10.86 -19.65
N SER C 171 -11.36 10.01 -18.79
CA SER C 171 -9.89 9.83 -18.69
C SER C 171 -9.10 11.06 -18.30
N THR C 172 -9.76 12.03 -17.67
CA THR C 172 -9.08 13.25 -17.23
C THR C 172 -8.63 13.24 -15.78
N TYR C 173 -7.91 14.31 -15.41
CA TYR C 173 -7.48 14.48 -14.02
C TYR C 173 -8.01 15.81 -13.43
N SER C 174 -8.11 15.86 -12.10
CA SER C 174 -8.48 17.08 -11.39
C SER C 174 -7.55 17.30 -10.17
N MET C 175 -7.39 18.55 -9.75
CA MET C 175 -6.54 18.83 -8.59
C MET C 175 -7.10 19.86 -7.64
N SER C 176 -6.83 19.70 -6.36
CA SER C 176 -7.24 20.67 -5.37
C SER C 176 -6.06 21.24 -4.62
N SER C 177 -5.99 22.55 -4.51
CA SER C 177 -4.87 23.12 -3.78
C SER C 177 -5.43 24.12 -2.79
N THR C 178 -5.10 23.97 -1.51
CA THR C 178 -5.72 24.87 -0.53
C THR C 178 -4.64 25.56 0.28
N LEU C 179 -4.62 26.89 0.26
CA LEU C 179 -3.69 27.67 1.07
C LEU C 179 -4.41 28.18 2.32
N THR C 180 -3.94 27.73 3.48
CA THR C 180 -4.57 28.14 4.74
C THR C 180 -3.66 29.11 5.48
N LEU C 181 -4.23 30.24 5.88
CA LEU C 181 -3.53 31.30 6.57
C LEU C 181 -4.40 31.63 7.77
N THR C 182 -3.85 32.35 8.77
CA THR C 182 -4.64 32.95 9.85
C THR C 182 -5.53 34.15 9.44
N LYS C 183 -6.68 34.35 10.11
CA LYS C 183 -7.54 35.53 9.82
C LYS C 183 -6.81 36.87 9.91
N ASP C 184 -5.88 36.97 10.86
CA ASP C 184 -5.07 38.18 11.08
C ASP C 184 -4.21 38.36 9.84
N GLU C 185 -3.46 37.32 9.50
CA GLU C 185 -2.60 37.33 8.32
C GLU C 185 -3.40 37.64 7.09
N TYR C 186 -4.57 37.02 7.01
CA TYR C 186 -5.48 37.18 5.88
C TYR C 186 -5.88 38.67 5.76
N GLU C 187 -6.13 39.35 6.88
CA GLU C 187 -6.55 40.76 6.82
C GLU C 187 -5.36 41.64 6.49
N ARG C 188 -4.14 41.13 6.66
CA ARG C 188 -2.96 41.94 6.34
C ARG C 188 -2.72 42.07 4.81
N HIS C 189 -3.54 41.45 3.94
CA HIS C 189 -3.27 41.53 2.50
C HIS C 189 -4.61 41.70 1.71
N ASN C 190 -4.52 41.97 0.40
CA ASN C 190 -5.76 42.28 -0.33
C ASN C 190 -6.08 41.35 -1.50
N THR C 191 -5.02 41.03 -2.24
CA THR C 191 -5.12 40.31 -3.50
C THR C 191 -4.58 38.87 -3.40
N TYR C 192 -5.38 37.91 -3.84
CA TYR C 192 -4.97 36.53 -3.77
C TYR C 192 -5.06 35.90 -5.15
N THR C 193 -3.96 35.27 -5.59
CA THR C 193 -3.87 34.76 -6.95
C THR C 193 -3.42 33.29 -6.92
N CYS C 194 -4.19 32.42 -7.58
CA CYS C 194 -3.76 31.05 -7.83
C CYS C 194 -3.24 30.94 -9.27
N GLU C 195 -2.05 30.37 -9.42
CA GLU C 195 -1.42 30.29 -10.75
C GLU C 195 -0.98 28.86 -11.15
N ALA C 196 -1.65 28.32 -12.17
CA ALA C 196 -1.46 26.95 -12.66
C ALA C 196 -0.60 26.84 -13.93
N THR C 197 0.55 26.14 -13.85
CA THR C 197 1.40 25.85 -15.05
C THR C 197 1.27 24.40 -15.59
N HIS C 198 0.77 24.28 -16.83
CA HIS C 198 0.52 22.98 -17.53
C HIS C 198 1.11 22.98 -18.93
N LYS C 199 1.28 21.80 -19.52
CA LYS C 199 1.89 21.72 -20.84
C LYS C 199 1.03 22.37 -21.97
N THR C 200 -0.30 22.33 -21.80
CA THR C 200 -1.24 22.74 -22.85
C THR C 200 -1.01 24.18 -23.34
N SER C 201 -0.27 25.00 -22.57
CA SER C 201 0.01 26.39 -22.94
C SER C 201 1.22 26.93 -22.15
N THR C 202 2.11 27.70 -22.80
CA THR C 202 3.23 28.31 -22.04
C THR C 202 2.83 29.44 -21.11
N SER C 203 1.59 29.92 -21.29
CA SER C 203 1.03 30.97 -20.44
C SER C 203 0.24 30.38 -19.27
N PRO C 204 0.75 30.59 -18.04
CA PRO C 204 0.03 30.21 -16.83
C PRO C 204 -1.35 30.83 -16.76
N ILE C 205 -2.33 30.04 -16.33
CA ILE C 205 -3.68 30.56 -16.07
C ILE C 205 -3.69 31.20 -14.69
N VAL C 206 -4.07 32.46 -14.65
CA VAL C 206 -4.06 33.20 -13.40
C VAL C 206 -5.54 33.46 -13.12
N LYS C 207 -5.95 33.07 -11.91
CA LYS C 207 -7.27 33.39 -11.40
C LYS C 207 -6.97 34.16 -10.15
N SER C 208 -7.71 35.21 -9.83
CA SER C 208 -7.37 35.96 -8.62
C SER C 208 -8.57 36.77 -8.18
N PHE C 209 -8.48 37.30 -6.96
CA PHE C 209 -9.51 38.18 -6.43
C PHE C 209 -9.03 39.25 -5.45
N ASN C 210 -9.71 40.40 -5.47
CA ASN C 210 -9.42 41.49 -4.55
C ASN C 210 -10.52 41.71 -3.50
N ARG C 211 -10.09 41.69 -2.25
CA ARG C 211 -10.98 41.85 -1.10
C ARG C 211 -11.67 43.23 -1.15
N ASN C 212 -10.92 44.24 -1.58
CA ASN C 212 -11.39 45.63 -1.65
C ASN C 212 -12.56 45.86 -2.63
N GLU C 213 -12.95 44.81 -3.36
CA GLU C 213 -14.09 44.87 -4.28
C GLU C 213 -14.91 43.57 -4.24
#